data_4HOB
#
_entry.id   4HOB
#
_cell.length_a   51.736
_cell.length_b   54.584
_cell.length_c   86.642
_cell.angle_alpha   90.00
_cell.angle_beta   90.00
_cell.angle_gamma   90.00
#
_symmetry.space_group_name_H-M   'P 21 21 21'
#
loop_
_entity.id
_entity.type
_entity.pdbx_description
1 polymer 'Putative uncharacterized protein'
2 non-polymer 'SULFATE ION'
3 water water
#
_entity_poly.entity_id   1
_entity_poly.type   'polypeptide(L)'
_entity_poly.pdbx_seq_one_letter_code
;GSHMASNPISEEMNLKILAYLGTKQGAKAVHIAQSLGAQRSEVNRHLYRMSEDGRVRKHPQHPVWYLPA
;
_entity_poly.pdbx_strand_id   A,B,C,D
#
loop_
_chem_comp.id
_chem_comp.type
_chem_comp.name
_chem_comp.formula
SO4 non-polymer 'SULFATE ION' 'O4 S -2'
#
# COMPACT_ATOMS: atom_id res chain seq x y z
N PRO A 8 15.91 -21.79 4.80
CA PRO A 8 16.65 -22.40 3.71
C PRO A 8 16.57 -21.57 2.43
N ILE A 9 17.66 -20.89 2.09
CA ILE A 9 17.68 -19.97 0.97
C ILE A 9 18.55 -20.47 -0.19
N SER A 10 17.93 -20.60 -1.36
CA SER A 10 18.65 -21.04 -2.56
C SER A 10 18.94 -19.86 -3.46
N GLU A 11 20.21 -19.71 -3.86
CA GLU A 11 20.59 -18.63 -4.76
C GLU A 11 20.03 -18.86 -6.16
N GLU A 12 19.84 -20.12 -6.53
CA GLU A 12 19.23 -20.43 -7.83
C GLU A 12 17.79 -19.91 -7.90
N MET A 13 17.04 -20.13 -6.82
CA MET A 13 15.69 -19.60 -6.70
C MET A 13 15.68 -18.08 -6.74
N ASN A 14 16.63 -17.47 -6.02
CA ASN A 14 16.80 -16.03 -6.05
C ASN A 14 16.98 -15.52 -7.48
N LEU A 15 17.89 -16.15 -8.21
CA LEU A 15 18.19 -15.75 -9.58
C LEU A 15 17.00 -15.93 -10.51
N LYS A 16 16.23 -17.00 -10.29
CA LYS A 16 15.02 -17.22 -11.09
C LYS A 16 14.00 -16.10 -10.84
N ILE A 17 13.83 -15.74 -9.57
CA ILE A 17 12.95 -14.65 -9.20
C ILE A 17 13.40 -13.34 -9.85
N LEU A 18 14.70 -13.07 -9.81
CA LEU A 18 15.25 -11.83 -10.36
C LEU A 18 15.04 -11.77 -11.88
N ALA A 19 15.28 -12.89 -12.54
CA ALA A 19 15.09 -12.98 -13.98
C ALA A 19 13.63 -12.72 -14.34
N TYR A 20 12.73 -13.25 -13.52
CA TYR A 20 11.30 -13.01 -13.75
C TYR A 20 10.94 -11.54 -13.56
N LEU A 21 11.36 -10.97 -12.44
CA LEU A 21 11.03 -9.58 -12.11
C LEU A 21 11.59 -8.58 -13.11
N GLY A 22 12.73 -8.94 -13.71
CA GLY A 22 13.37 -8.05 -14.67
C GLY A 22 12.52 -7.71 -15.88
N THR A 23 11.69 -8.66 -16.31
CA THR A 23 10.90 -8.50 -17.52
C THR A 23 9.56 -7.80 -17.26
N LYS A 24 9.25 -7.56 -16.00
CA LYS A 24 7.97 -6.96 -15.64
C LYS A 24 8.16 -5.55 -15.08
N GLN A 25 7.07 -4.79 -15.00
CA GLN A 25 7.07 -3.51 -14.30
C GLN A 25 7.21 -3.78 -12.81
N GLY A 26 6.94 -5.04 -12.44
CA GLY A 26 6.89 -5.44 -11.05
C GLY A 26 5.84 -6.54 -10.99
N ALA A 27 5.85 -7.31 -9.91
CA ALA A 27 4.91 -8.42 -9.80
C ALA A 27 4.61 -8.76 -8.35
N LYS A 28 3.41 -9.27 -8.14
CA LYS A 28 3.03 -9.79 -6.82
C LYS A 28 3.55 -11.22 -6.67
N ALA A 29 3.78 -11.62 -5.43
CA ALA A 29 4.41 -12.91 -5.13
C ALA A 29 3.63 -14.10 -5.70
N VAL A 30 2.31 -13.99 -5.75
CA VAL A 30 1.48 -15.07 -6.28
C VAL A 30 1.78 -15.34 -7.76
N HIS A 31 1.87 -14.28 -8.55
CA HIS A 31 2.18 -14.40 -9.97
C HIS A 31 3.60 -14.92 -10.20
N ILE A 32 4.55 -14.45 -9.40
CA ILE A 32 5.92 -14.95 -9.47
C ILE A 32 5.97 -16.44 -9.19
N ALA A 33 5.28 -16.85 -8.13
CA ALA A 33 5.23 -18.25 -7.73
C ALA A 33 4.62 -19.11 -8.83
N GLN A 34 3.50 -18.66 -9.38
CA GLN A 34 2.82 -19.41 -10.43
C GLN A 34 3.69 -19.54 -11.68
N SER A 35 4.36 -18.45 -12.04
CA SER A 35 5.21 -18.46 -13.23
C SER A 35 6.43 -19.35 -13.04
N LEU A 36 6.98 -19.38 -11.83
CA LEU A 36 8.15 -20.20 -11.54
C LEU A 36 7.78 -21.65 -11.25
N GLY A 37 6.48 -21.91 -11.12
CA GLY A 37 6.00 -23.23 -10.76
C GLY A 37 6.40 -23.59 -9.33
N ALA A 38 6.48 -22.57 -8.49
CA ALA A 38 6.87 -22.75 -7.10
C ALA A 38 5.72 -22.35 -6.17
N GLN A 39 5.89 -22.62 -4.88
CA GLN A 39 4.89 -22.25 -3.89
C GLN A 39 5.09 -20.81 -3.46
N ARG A 40 4.01 -20.17 -3.01
CA ARG A 40 4.04 -18.76 -2.64
C ARG A 40 4.91 -18.53 -1.40
N SER A 41 4.88 -19.47 -0.47
CA SER A 41 5.64 -19.36 0.78
C SER A 41 7.15 -19.29 0.52
N GLU A 42 7.64 -20.18 -0.33
CA GLU A 42 9.05 -20.23 -0.69
C GLU A 42 9.48 -18.94 -1.38
N VAL A 43 8.68 -18.52 -2.36
CA VAL A 43 8.94 -17.29 -3.09
C VAL A 43 8.99 -16.08 -2.16
N ASN A 44 8.05 -16.00 -1.23
CA ASN A 44 8.04 -14.90 -0.26
C ASN A 44 9.26 -14.94 0.66
N ARG A 45 9.63 -16.15 1.10
CA ARG A 45 10.81 -16.36 1.92
C ARG A 45 12.04 -15.75 1.22
N HIS A 46 12.22 -16.13 -0.04
CA HIS A 46 13.34 -15.62 -0.83
C HIS A 46 13.25 -14.12 -1.09
N LEU A 47 12.03 -13.62 -1.32
CA LEU A 47 11.81 -12.21 -1.58
C LEU A 47 12.17 -11.34 -0.40
N TYR A 48 11.78 -11.76 0.79
CA TYR A 48 12.08 -10.98 1.99
C TYR A 48 13.56 -11.11 2.37
N ARG A 49 14.12 -12.30 2.15
CA ARG A 49 15.55 -12.48 2.37
C ARG A 49 16.37 -11.55 1.46
N MET A 50 15.97 -11.47 0.19
CA MET A 50 16.62 -10.57 -0.76
C MET A 50 16.35 -9.11 -0.44
N SER A 51 15.17 -8.85 0.11
CA SER A 51 14.78 -7.50 0.51
C SER A 51 15.73 -6.99 1.57
N GLU A 52 16.04 -7.85 2.55
CA GLU A 52 17.02 -7.51 3.57
C GLU A 52 18.36 -7.12 2.96
N ASP A 53 18.75 -7.82 1.90
CA ASP A 53 20.02 -7.59 1.24
C ASP A 53 19.94 -6.54 0.13
N GLY A 54 18.75 -5.98 -0.06
CA GLY A 54 18.54 -4.91 -1.02
C GLY A 54 18.56 -5.35 -2.47
N ARG A 55 18.42 -6.65 -2.71
CA ARG A 55 18.44 -7.18 -4.07
C ARG A 55 17.08 -7.02 -4.77
N VAL A 56 16.03 -6.83 -3.97
CA VAL A 56 14.72 -6.47 -4.50
C VAL A 56 14.11 -5.38 -3.64
N ARG A 57 13.06 -4.75 -4.15
CA ARG A 57 12.32 -3.75 -3.40
C ARG A 57 10.82 -3.99 -3.60
N LYS A 58 10.01 -3.32 -2.80
CA LYS A 58 8.56 -3.50 -2.90
C LYS A 58 7.81 -2.18 -2.75
N HIS A 59 6.64 -2.10 -3.39
CA HIS A 59 5.73 -0.99 -3.19
C HIS A 59 4.49 -1.50 -2.48
N PRO A 60 4.14 -0.89 -1.34
CA PRO A 60 4.91 0.16 -0.67
C PRO A 60 5.98 -0.47 0.21
N GLN A 61 6.99 0.32 0.55
CA GLN A 61 8.13 -0.18 1.31
C GLN A 61 7.74 -0.59 2.74
N HIS A 62 6.75 0.10 3.31
CA HIS A 62 6.39 -0.11 4.71
C HIS A 62 4.87 -0.27 4.89
N PRO A 63 4.39 -1.51 4.91
CA PRO A 63 2.95 -1.74 5.05
C PRO A 63 2.49 -1.47 6.47
N VAL A 64 1.18 -1.26 6.63
CA VAL A 64 0.61 -1.07 7.96
C VAL A 64 -0.02 -2.38 8.44
N TRP A 65 0.49 -2.88 9.55
CA TRP A 65 0.00 -4.14 10.13
C TRP A 65 -1.15 -3.89 11.09
N TYR A 66 -2.10 -4.82 11.15
CA TYR A 66 -3.24 -4.68 12.05
C TYR A 66 -3.84 -6.04 12.40
N LEU A 67 -4.80 -6.04 13.32
CA LEU A 67 -5.41 -7.28 13.79
C LEU A 67 -6.71 -7.59 13.06
N PRO A 68 -6.91 -8.87 12.70
CA PRO A 68 -8.15 -9.32 12.08
C PRO A 68 -9.28 -9.46 13.10
N ALA A 69 -10.52 -9.40 12.65
CA ALA A 69 -11.67 -9.56 13.53
C ALA A 69 -12.79 -10.34 12.85
N SER B 6 20.71 -19.14 12.70
CA SER B 6 19.35 -18.61 12.82
C SER B 6 18.77 -18.89 14.20
N ASN B 7 17.79 -18.08 14.60
CA ASN B 7 17.11 -18.26 15.88
C ASN B 7 15.63 -18.60 15.67
N PRO B 8 15.05 -19.40 16.57
CA PRO B 8 13.66 -19.84 16.42
C PRO B 8 12.64 -18.74 16.64
N ILE B 9 11.42 -18.98 16.16
CA ILE B 9 10.34 -18.03 16.34
C ILE B 9 9.84 -18.07 17.79
N SER B 10 9.53 -16.89 18.33
CA SER B 10 9.14 -16.77 19.73
C SER B 10 7.68 -16.38 19.88
N GLU B 11 6.90 -17.24 20.52
CA GLU B 11 5.48 -16.95 20.73
C GLU B 11 5.30 -15.77 21.70
N GLU B 12 6.26 -15.59 22.60
CA GLU B 12 6.22 -14.44 23.49
C GLU B 12 6.31 -13.13 22.71
N MET B 13 7.23 -13.07 21.75
CA MET B 13 7.35 -11.90 20.89
C MET B 13 6.08 -11.68 20.08
N ASN B 14 5.54 -12.77 19.52
CA ASN B 14 4.27 -12.72 18.81
C ASN B 14 3.17 -12.08 19.64
N LEU B 15 3.03 -12.54 20.88
CA LEU B 15 2.00 -12.01 21.78
C LEU B 15 2.23 -10.56 22.14
N LYS B 16 3.49 -10.17 22.32
CA LYS B 16 3.80 -8.77 22.61
C LYS B 16 3.43 -7.86 21.43
N ILE B 17 3.75 -8.34 20.22
CA ILE B 17 3.37 -7.63 19.00
C ILE B 17 1.85 -7.49 18.89
N LEU B 18 1.14 -8.58 19.15
CA LEU B 18 -0.31 -8.57 19.07
C LEU B 18 -0.93 -7.61 20.07
N ALA B 19 -0.37 -7.59 21.28
CA ALA B 19 -0.85 -6.68 22.31
C ALA B 19 -0.63 -5.24 21.88
N TYR B 20 0.52 -4.96 21.28
CA TYR B 20 0.79 -3.60 20.80
C TYR B 20 -0.20 -3.20 19.71
N LEU B 21 -0.37 -4.07 18.72
CA LEU B 21 -1.24 -3.78 17.57
C LEU B 21 -2.69 -3.59 17.98
N GLY B 22 -3.10 -4.33 19.01
CA GLY B 22 -4.48 -4.24 19.50
C GLY B 22 -4.86 -2.82 19.89
N THR B 23 -3.89 -2.09 20.43
CA THR B 23 -4.14 -0.75 20.95
C THR B 23 -4.14 0.31 19.84
N LYS B 24 -3.76 -0.08 18.63
CA LYS B 24 -3.65 0.86 17.53
C LYS B 24 -4.65 0.58 16.41
N GLN B 25 -4.82 1.54 15.51
CA GLN B 25 -5.61 1.32 14.29
C GLN B 25 -4.80 0.41 13.39
N GLY B 26 -3.50 0.36 13.66
CA GLY B 26 -2.55 -0.34 12.83
C GLY B 26 -1.22 0.33 13.07
N ALA B 27 -0.14 -0.33 12.67
CA ALA B 27 1.18 0.23 12.90
C ALA B 27 2.19 -0.33 11.91
N LYS B 28 3.15 0.50 11.52
CA LYS B 28 4.27 0.02 10.73
C LYS B 28 5.25 -0.67 11.66
N ALA B 29 6.04 -1.58 11.11
CA ALA B 29 6.91 -2.42 11.92
C ALA B 29 7.95 -1.63 12.71
N VAL B 30 8.35 -0.48 12.16
CA VAL B 30 9.33 0.38 12.82
C VAL B 30 8.81 0.89 14.17
N HIS B 31 7.53 1.23 14.21
CA HIS B 31 6.91 1.73 15.43
C HIS B 31 6.68 0.60 16.44
N ILE B 32 6.28 -0.56 15.93
CA ILE B 32 6.13 -1.74 16.77
C ILE B 32 7.45 -2.05 17.46
N ALA B 33 8.52 -2.12 16.67
CA ALA B 33 9.85 -2.41 17.17
C ALA B 33 10.34 -1.35 18.15
N GLN B 34 10.04 -0.08 17.86
CA GLN B 34 10.43 1.00 18.76
C GLN B 34 9.75 0.84 20.12
N SER B 35 8.45 0.60 20.09
CA SER B 35 7.68 0.46 21.32
C SER B 35 8.14 -0.76 22.12
N LEU B 36 8.41 -1.85 21.42
CA LEU B 36 8.81 -3.09 22.06
C LEU B 36 10.29 -3.09 22.44
N GLY B 37 11.03 -2.13 21.91
CA GLY B 37 12.47 -2.07 22.12
C GLY B 37 13.16 -3.26 21.48
N ALA B 38 12.58 -3.75 20.39
CA ALA B 38 13.11 -4.92 19.69
C ALA B 38 13.72 -4.53 18.35
N GLN B 39 14.40 -5.49 17.72
CA GLN B 39 14.94 -5.27 16.39
C GLN B 39 13.81 -5.29 15.38
N ARG B 40 13.86 -4.38 14.41
CA ARG B 40 12.84 -4.34 13.37
C ARG B 40 12.84 -5.64 12.58
N SER B 41 14.01 -6.24 12.41
CA SER B 41 14.13 -7.48 11.64
C SER B 41 13.40 -8.64 12.30
N GLU B 42 13.55 -8.76 13.62
CA GLU B 42 12.87 -9.83 14.37
C GLU B 42 11.36 -9.61 14.37
N VAL B 43 10.95 -8.35 14.54
CA VAL B 43 9.54 -7.99 14.50
C VAL B 43 8.92 -8.36 13.15
N ASN B 44 9.58 -7.97 12.07
CA ASN B 44 9.13 -8.32 10.73
C ASN B 44 9.06 -9.82 10.51
N ARG B 45 10.11 -10.50 10.95
CA ARG B 45 10.18 -11.96 10.84
C ARG B 45 8.98 -12.61 11.53
N HIS B 46 8.61 -12.11 12.70
CA HIS B 46 7.46 -12.64 13.41
C HIS B 46 6.14 -12.27 12.73
N LEU B 47 6.07 -11.05 12.22
CA LEU B 47 4.87 -10.55 11.54
C LEU B 47 4.52 -11.40 10.32
N TYR B 48 5.52 -11.75 9.52
CA TYR B 48 5.30 -12.56 8.32
C TYR B 48 4.69 -13.93 8.68
N ARG B 49 5.33 -14.61 9.62
CA ARG B 49 4.87 -15.91 10.10
C ARG B 49 3.44 -15.81 10.64
N MET B 50 3.17 -14.80 11.45
CA MET B 50 1.83 -14.63 12.00
C MET B 50 0.80 -14.36 10.91
N SER B 51 1.23 -13.63 9.89
CA SER B 51 0.36 -13.33 8.75
C SER B 51 -0.03 -14.63 8.07
N GLU B 52 0.91 -15.56 7.98
CA GLU B 52 0.61 -16.87 7.40
C GLU B 52 -0.49 -17.62 8.16
N ASP B 53 -0.54 -17.46 9.47
CA ASP B 53 -1.58 -18.09 10.29
C ASP B 53 -2.84 -17.24 10.40
N GLY B 54 -2.85 -16.10 9.72
CA GLY B 54 -3.98 -15.19 9.77
C GLY B 54 -4.16 -14.56 11.14
N ARG B 55 -3.07 -14.43 11.88
CA ARG B 55 -3.10 -13.82 13.20
C ARG B 55 -2.95 -12.31 13.11
N VAL B 56 -2.32 -11.85 12.04
CA VAL B 56 -2.28 -10.43 11.70
C VAL B 56 -2.64 -10.22 10.24
N ARG B 57 -2.96 -8.99 9.89
CA ARG B 57 -3.19 -8.62 8.50
C ARG B 57 -2.39 -7.37 8.21
N LYS B 58 -2.36 -6.95 6.94
CA LYS B 58 -1.60 -5.76 6.58
C LYS B 58 -2.19 -5.05 5.37
N HIS B 59 -2.01 -3.74 5.33
CA HIS B 59 -2.42 -2.93 4.18
C HIS B 59 -1.17 -2.40 3.48
N PRO B 60 -1.08 -2.61 2.15
CA PRO B 60 -2.01 -3.41 1.37
C PRO B 60 -1.73 -4.90 1.58
N GLN B 61 -2.63 -5.74 1.10
CA GLN B 61 -2.53 -7.18 1.31
C GLN B 61 -1.30 -7.76 0.63
N HIS B 62 -1.06 -7.34 -0.61
CA HIS B 62 0.04 -7.88 -1.40
C HIS B 62 0.84 -6.76 -2.05
N PRO B 63 2.11 -6.62 -1.65
CA PRO B 63 2.94 -5.57 -2.24
C PRO B 63 3.39 -5.96 -3.64
N VAL B 64 3.78 -4.97 -4.43
CA VAL B 64 4.35 -5.22 -5.75
C VAL B 64 5.87 -5.20 -5.62
N TRP B 65 6.51 -6.31 -6.03
CA TRP B 65 7.96 -6.43 -5.94
C TRP B 65 8.60 -6.01 -7.25
N TYR B 66 9.79 -5.41 -7.16
CA TYR B 66 10.50 -4.96 -8.35
C TYR B 66 12.00 -4.89 -8.11
N LEU B 67 12.76 -4.62 -9.16
CA LEU B 67 14.22 -4.58 -9.08
C LEU B 67 14.73 -3.16 -8.83
N PRO B 68 15.81 -3.03 -8.03
CA PRO B 68 16.44 -1.73 -7.77
C PRO B 68 17.02 -1.13 -9.05
N HIS C 3 -25.47 25.43 -2.19
CA HIS C 3 -24.12 25.43 -1.65
C HIS C 3 -23.34 24.21 -2.12
N MET C 4 -23.32 24.00 -3.44
CA MET C 4 -22.61 22.87 -4.02
C MET C 4 -21.24 23.27 -4.52
N ALA C 5 -21.18 24.33 -5.32
CA ALA C 5 -19.93 24.83 -5.86
C ALA C 5 -19.25 25.78 -4.89
N SER C 6 -20.07 26.46 -4.08
CA SER C 6 -19.56 27.44 -3.14
C SER C 6 -19.33 26.85 -1.76
N ASN C 7 -19.95 25.71 -1.49
CA ASN C 7 -19.82 25.05 -0.19
C ASN C 7 -19.79 23.53 -0.32
N PRO C 8 -18.72 22.99 -0.94
CA PRO C 8 -18.65 21.55 -1.20
C PRO C 8 -18.37 20.71 0.05
N ILE C 9 -17.76 21.31 1.07
CA ILE C 9 -17.37 20.56 2.26
C ILE C 9 -18.28 20.80 3.47
N SER C 10 -18.80 19.71 4.02
CA SER C 10 -19.62 19.76 5.22
C SER C 10 -18.82 19.31 6.43
N GLU C 11 -18.81 20.12 7.49
CA GLU C 11 -18.07 19.77 8.69
C GLU C 11 -18.75 18.62 9.45
N GLU C 12 -20.08 18.59 9.40
CA GLU C 12 -20.84 17.48 9.98
C GLU C 12 -20.41 16.17 9.33
N MET C 13 -20.28 16.21 8.01
CA MET C 13 -19.82 15.06 7.25
CA MET C 13 -19.82 15.06 7.25
C MET C 13 -18.42 14.66 7.67
N ASN C 14 -17.54 15.66 7.81
CA ASN C 14 -16.17 15.41 8.25
C ASN C 14 -16.16 14.67 9.58
N LEU C 15 -16.98 15.14 10.51
CA LEU C 15 -17.04 14.56 11.85
C LEU C 15 -17.66 13.16 11.87
N LYS C 16 -18.62 12.92 10.99
CA LYS C 16 -19.19 11.57 10.87
C LYS C 16 -18.14 10.60 10.32
N ILE C 17 -17.38 11.06 9.33
CA ILE C 17 -16.27 10.28 8.80
C ILE C 17 -15.23 9.96 9.87
N LEU C 18 -14.83 10.98 10.62
CA LEU C 18 -13.84 10.80 11.70
C LEU C 18 -14.35 9.83 12.78
N ALA C 19 -15.61 9.99 13.16
CA ALA C 19 -16.21 9.12 14.17
C ALA C 19 -16.26 7.68 13.68
N TYR C 20 -16.56 7.50 12.39
CA TYR C 20 -16.53 6.16 11.83
C TYR C 20 -15.12 5.56 11.86
N LEU C 21 -14.14 6.34 11.42
CA LEU C 21 -12.75 5.90 11.42
C LEU C 21 -12.27 5.52 12.82
N GLY C 22 -12.81 6.20 13.82
CA GLY C 22 -12.50 5.87 15.20
C GLY C 22 -12.86 4.45 15.60
N THR C 23 -13.86 3.88 14.94
CA THR C 23 -14.33 2.54 15.27
C THR C 23 -13.58 1.45 14.50
N LYS C 24 -12.65 1.87 13.64
CA LYS C 24 -12.02 0.92 12.72
C LYS C 24 -10.50 0.87 12.84
N GLN C 25 -9.93 -0.18 12.27
CA GLN C 25 -8.48 -0.28 12.11
C GLN C 25 -8.11 0.22 10.72
N GLY C 26 -8.40 1.49 10.45
CA GLY C 26 -8.27 2.03 9.12
C GLY C 26 -9.48 1.61 8.30
N ALA C 27 -9.84 2.42 7.31
CA ALA C 27 -11.00 2.10 6.48
C ALA C 27 -10.84 2.60 5.06
N LYS C 28 -11.41 1.86 4.12
CA LYS C 28 -11.46 2.29 2.74
C LYS C 28 -12.70 3.15 2.53
N ALA C 29 -12.62 4.08 1.58
CA ALA C 29 -13.69 5.04 1.34
C ALA C 29 -15.04 4.39 1.03
N VAL C 30 -15.02 3.24 0.35
CA VAL C 30 -16.26 2.56 -0.01
C VAL C 30 -17.05 2.15 1.24
N HIS C 31 -16.34 1.67 2.26
CA HIS C 31 -16.98 1.19 3.48
C HIS C 31 -17.46 2.36 4.34
N ILE C 32 -16.67 3.42 4.37
CA ILE C 32 -17.06 4.65 5.06
C ILE C 32 -18.37 5.15 4.46
N ALA C 33 -18.41 5.16 3.13
CA ALA C 33 -19.57 5.62 2.37
C ALA C 33 -20.78 4.74 2.66
N GLN C 34 -20.56 3.43 2.69
CA GLN C 34 -21.64 2.49 2.99
C GLN C 34 -22.22 2.76 4.38
N SER C 35 -21.34 2.98 5.35
CA SER C 35 -21.78 3.22 6.72
C SER C 35 -22.52 4.55 6.87
N LEU C 36 -22.06 5.57 6.15
CA LEU C 36 -22.64 6.91 6.27
C LEU C 36 -23.87 7.10 5.39
N GLY C 37 -24.07 6.18 4.46
CA GLY C 37 -25.12 6.34 3.47
C GLY C 37 -24.80 7.54 2.58
N ALA C 38 -23.56 7.58 2.09
CA ALA C 38 -23.13 8.66 1.23
C ALA C 38 -22.44 8.10 -0.01
N GLN C 39 -22.28 8.94 -1.03
CA GLN C 39 -21.58 8.53 -2.24
C GLN C 39 -20.08 8.57 -2.01
N ARG C 40 -19.37 7.61 -2.60
CA ARG C 40 -17.93 7.48 -2.39
C ARG C 40 -17.17 8.73 -2.84
N SER C 41 -17.67 9.41 -3.87
CA SER C 41 -17.01 10.61 -4.38
C SER C 41 -17.02 11.76 -3.36
N GLU C 42 -18.16 11.96 -2.71
CA GLU C 42 -18.29 12.98 -1.67
C GLU C 42 -17.37 12.66 -0.50
N VAL C 43 -17.43 11.41 -0.05
CA VAL C 43 -16.57 10.93 1.03
C VAL C 43 -15.12 11.19 0.70
N ASN C 44 -14.71 10.89 -0.53
CA ASN C 44 -13.34 11.12 -0.97
C ASN C 44 -12.95 12.60 -0.99
N ARG C 45 -13.83 13.46 -1.50
CA ARG C 45 -13.59 14.90 -1.45
C ARG C 45 -13.29 15.35 -0.02
N HIS C 46 -14.14 14.89 0.90
CA HIS C 46 -13.96 15.20 2.32
C HIS C 46 -12.66 14.64 2.90
N LEU C 47 -12.32 13.41 2.53
CA LEU C 47 -11.12 12.75 3.03
C LEU C 47 -9.86 13.47 2.57
N TYR C 48 -9.80 13.84 1.30
CA TYR C 48 -8.61 14.54 0.80
C TYR C 48 -8.51 15.94 1.39
N ARG C 49 -9.65 16.61 1.51
CA ARG C 49 -9.66 17.92 2.16
C ARG C 49 -9.13 17.84 3.61
N MET C 50 -9.63 16.88 4.37
CA MET C 50 -9.16 16.69 5.75
C MET C 50 -7.69 16.27 5.78
N SER C 51 -7.28 15.52 4.77
CA SER C 51 -5.90 15.06 4.66
C SER C 51 -4.98 16.26 4.54
N GLU C 52 -5.39 17.25 3.74
CA GLU C 52 -4.66 18.51 3.67
C GLU C 52 -4.51 19.14 5.07
N ASP C 53 -5.59 19.09 5.85
CA ASP C 53 -5.61 19.71 7.17
C ASP C 53 -5.00 18.83 8.26
N GLY C 54 -4.51 17.65 7.88
CA GLY C 54 -3.91 16.73 8.81
C GLY C 54 -4.90 16.11 9.78
N ARG C 55 -6.17 16.10 9.40
CA ARG C 55 -7.21 15.53 10.26
C ARG C 55 -7.37 14.04 10.00
N VAL C 56 -6.91 13.59 8.84
CA VAL C 56 -6.82 12.17 8.54
C VAL C 56 -5.51 11.90 7.79
N ARG C 57 -5.16 10.62 7.70
CA ARG C 57 -4.01 10.22 6.91
C ARG C 57 -4.37 9.02 6.06
N LYS C 58 -3.85 8.95 4.85
CA LYS C 58 -4.06 7.76 4.03
C LYS C 58 -2.75 6.99 3.82
N HIS C 59 -2.88 5.67 3.75
CA HIS C 59 -1.73 4.81 3.51
CA HIS C 59 -1.73 4.82 3.50
C HIS C 59 -1.95 4.00 2.24
N PRO C 60 -0.99 4.04 1.31
CA PRO C 60 0.24 4.84 1.38
C PRO C 60 -0.04 6.30 1.04
N GLN C 61 0.91 7.18 1.35
CA GLN C 61 0.74 8.61 1.09
C GLN C 61 0.49 8.88 -0.38
N HIS C 62 1.15 8.12 -1.24
CA HIS C 62 0.96 8.25 -2.67
C HIS C 62 1.07 6.89 -3.34
N PRO C 63 0.17 6.60 -4.28
CA PRO C 63 0.19 5.28 -4.92
C PRO C 63 1.24 5.23 -6.02
N VAL C 64 1.48 4.04 -6.54
CA VAL C 64 2.36 3.87 -7.68
C VAL C 64 1.50 3.49 -8.87
N TRP C 65 1.79 4.06 -10.03
CA TRP C 65 0.99 3.84 -11.22
C TRP C 65 1.69 2.88 -12.19
N TYR C 66 0.89 2.02 -12.82
CA TYR C 66 1.41 1.00 -13.74
C TYR C 66 0.63 0.97 -15.04
N LEU C 67 1.28 0.51 -16.10
CA LEU C 67 0.56 0.14 -17.31
C LEU C 67 -0.10 -1.20 -17.06
N PRO C 68 -1.24 -1.47 -17.73
CA PRO C 68 -1.88 -2.78 -17.63
C PRO C 68 -1.02 -3.84 -18.30
N ALA C 69 -0.77 -4.95 -17.60
CA ALA C 69 0.05 -6.02 -18.15
C ALA C 69 -0.71 -6.83 -19.18
N SER D 10 -5.04 17.03 -24.68
CA SER D 10 -5.22 16.18 -23.51
C SER D 10 -4.92 14.70 -23.77
N GLU D 11 -5.32 14.20 -24.94
CA GLU D 11 -5.06 12.80 -25.26
C GLU D 11 -3.57 12.56 -25.49
N GLU D 12 -2.88 13.56 -26.05
CA GLU D 12 -1.43 13.50 -26.16
C GLU D 12 -0.81 13.46 -24.77
N MET D 13 -1.43 14.15 -23.82
CA MET D 13 -0.99 14.12 -22.43
C MET D 13 -1.12 12.72 -21.86
N ASN D 14 -2.31 12.12 -22.05
CA ASN D 14 -2.53 10.72 -21.68
C ASN D 14 -1.44 9.80 -22.24
N LEU D 15 -1.20 9.92 -23.54
CA LEU D 15 -0.23 9.06 -24.22
C LEU D 15 1.20 9.30 -23.77
N LYS D 16 1.53 10.53 -23.42
CA LYS D 16 2.86 10.85 -22.91
C LYS D 16 3.04 10.20 -21.54
N ILE D 17 1.99 10.26 -20.73
CA ILE D 17 2.00 9.58 -19.44
C ILE D 17 2.22 8.08 -19.60
N LEU D 18 1.46 7.47 -20.52
CA LEU D 18 1.58 6.05 -20.79
C LEU D 18 2.99 5.66 -21.27
N ALA D 19 3.51 6.44 -22.22
CA ALA D 19 4.83 6.19 -22.77
C ALA D 19 5.88 6.30 -21.67
N TYR D 20 5.69 7.25 -20.74
CA TYR D 20 6.61 7.37 -19.62
C TYR D 20 6.53 6.13 -18.72
N LEU D 21 5.32 5.70 -18.40
CA LEU D 21 5.13 4.54 -17.54
C LEU D 21 5.70 3.27 -18.16
N GLY D 22 5.74 3.23 -19.49
CA GLY D 22 6.32 2.10 -20.19
C GLY D 22 7.79 1.89 -19.88
N THR D 23 8.49 2.97 -19.55
CA THR D 23 9.93 2.91 -19.31
C THR D 23 10.25 2.66 -17.84
N LYS D 24 9.22 2.59 -17.01
CA LYS D 24 9.43 2.49 -15.56
C LYS D 24 8.86 1.22 -14.95
N GLN D 25 9.39 0.87 -13.78
CA GLN D 25 8.83 -0.19 -12.95
C GLN D 25 7.77 0.40 -12.04
N GLY D 26 6.75 1.00 -12.64
CA GLY D 26 5.76 1.74 -11.87
C GLY D 26 6.33 3.08 -11.47
N ALA D 27 5.47 4.10 -11.35
CA ALA D 27 5.94 5.42 -11.00
C ALA D 27 4.92 6.20 -10.18
N LYS D 28 5.41 7.10 -9.35
CA LYS D 28 4.56 8.01 -8.61
C LYS D 28 4.29 9.25 -9.46
N ALA D 29 3.15 9.90 -9.23
CA ALA D 29 2.70 11.02 -10.04
C ALA D 29 3.71 12.15 -10.15
N VAL D 30 4.41 12.44 -9.05
CA VAL D 30 5.37 13.54 -9.02
C VAL D 30 6.49 13.35 -10.05
N HIS D 31 6.94 12.11 -10.22
CA HIS D 31 8.03 11.80 -11.12
C HIS D 31 7.56 11.79 -12.58
N ILE D 32 6.35 11.30 -12.80
CA ILE D 32 5.73 11.37 -14.12
C ILE D 32 5.65 12.82 -14.55
N ALA D 33 5.10 13.64 -13.66
CA ALA D 33 4.92 15.07 -13.89
C ALA D 33 6.23 15.75 -14.19
N GLN D 34 7.25 15.48 -13.38
CA GLN D 34 8.56 16.06 -13.57
C GLN D 34 9.15 15.70 -14.93
N SER D 35 9.07 14.41 -15.28
CA SER D 35 9.62 13.96 -16.56
C SER D 35 8.89 14.57 -17.75
N LEU D 36 7.59 14.76 -17.62
CA LEU D 36 6.79 15.31 -18.72
C LEU D 36 6.83 16.83 -18.76
N GLY D 37 7.32 17.44 -17.68
CA GLY D 37 7.36 18.88 -17.58
C GLY D 37 5.98 19.46 -17.39
N ALA D 38 5.14 18.74 -16.65
CA ALA D 38 3.78 19.17 -16.38
C ALA D 38 3.54 19.32 -14.88
N GLN D 39 2.39 19.91 -14.53
CA GLN D 39 2.01 20.05 -13.13
C GLN D 39 1.49 18.73 -12.58
N ARG D 40 1.76 18.48 -11.30
CA ARG D 40 1.39 17.22 -10.67
C ARG D 40 -0.14 17.02 -10.64
N SER D 41 -0.88 18.10 -10.45
CA SER D 41 -2.33 18.02 -10.39
C SER D 41 -2.91 17.64 -11.76
N GLU D 42 -2.29 18.16 -12.82
CA GLU D 42 -2.68 17.84 -14.19
C GLU D 42 -2.50 16.35 -14.43
N VAL D 43 -1.30 15.86 -14.14
CA VAL D 43 -0.96 14.45 -14.30
C VAL D 43 -1.88 13.56 -13.49
N ASN D 44 -2.14 13.94 -12.24
CA ASN D 44 -3.07 13.18 -11.39
C ASN D 44 -4.49 13.13 -11.95
N ARG D 45 -4.97 14.26 -12.47
CA ARG D 45 -6.27 14.32 -13.10
C ARG D 45 -6.34 13.30 -14.24
N HIS D 46 -5.32 13.36 -15.11
CA HIS D 46 -5.26 12.43 -16.24
C HIS D 46 -5.14 10.97 -15.81
N LEU D 47 -4.37 10.72 -14.76
CA LEU D 47 -4.15 9.36 -14.27
C LEU D 47 -5.43 8.77 -13.71
N TYR D 48 -6.10 9.53 -12.84
CA TYR D 48 -7.33 9.05 -12.24
C TYR D 48 -8.44 8.87 -13.29
N ARG D 49 -8.44 9.72 -14.31
CA ARG D 49 -9.43 9.54 -15.37
C ARG D 49 -9.10 8.37 -16.32
N MET D 50 -7.81 8.11 -16.51
CA MET D 50 -7.37 6.95 -17.31
C MET D 50 -7.58 5.64 -16.57
N SER D 51 -7.60 5.72 -15.23
CA SER D 51 -7.80 4.54 -14.41
C SER D 51 -9.21 3.98 -14.57
N GLU D 52 -10.17 4.89 -14.78
CA GLU D 52 -11.56 4.49 -15.00
C GLU D 52 -11.71 3.76 -16.32
N ASP D 53 -10.88 4.13 -17.29
CA ASP D 53 -10.92 3.50 -18.61
C ASP D 53 -10.00 2.28 -18.68
N GLY D 54 -9.26 2.04 -17.60
CA GLY D 54 -8.40 0.88 -17.51
C GLY D 54 -7.10 1.02 -18.28
N ARG D 55 -6.73 2.27 -18.60
CA ARG D 55 -5.52 2.52 -19.36
C ARG D 55 -4.28 2.57 -18.46
N VAL D 56 -4.52 2.79 -17.17
CA VAL D 56 -3.47 2.66 -16.15
C VAL D 56 -4.00 1.88 -14.96
N ARG D 57 -3.09 1.41 -14.11
CA ARG D 57 -3.48 0.72 -12.89
C ARG D 57 -2.80 1.37 -11.70
N LYS D 58 -3.54 1.51 -10.61
CA LYS D 58 -3.01 2.14 -9.41
C LYS D 58 -2.78 1.09 -8.33
N HIS D 59 -1.64 1.17 -7.65
CA HIS D 59 -1.34 0.27 -6.55
C HIS D 59 -1.02 1.02 -5.25
N PRO D 60 -1.79 0.75 -4.20
CA PRO D 60 -2.95 -0.14 -4.18
C PRO D 60 -4.14 0.52 -4.85
N GLN D 61 -5.13 -0.27 -5.26
CA GLN D 61 -6.29 0.24 -5.98
C GLN D 61 -7.08 1.22 -5.12
N HIS D 62 -7.11 0.96 -3.81
CA HIS D 62 -7.82 1.83 -2.89
C HIS D 62 -7.04 1.96 -1.58
N PRO D 63 -6.66 3.20 -1.24
CA PRO D 63 -5.84 3.44 -0.05
C PRO D 63 -6.68 3.28 1.21
N VAL D 64 -6.02 3.17 2.35
CA VAL D 64 -6.70 3.05 3.62
C VAL D 64 -6.54 4.33 4.44
N TRP D 65 -7.64 4.80 5.01
CA TRP D 65 -7.63 6.07 5.74
C TRP D 65 -7.60 5.85 7.25
N TYR D 66 -6.85 6.69 7.95
CA TYR D 66 -6.66 6.57 9.40
C TYR D 66 -6.84 7.90 10.11
N LEU D 67 -7.15 7.83 11.40
CA LEU D 67 -7.07 9.00 12.26
C LEU D 67 -5.62 9.16 12.67
N PRO D 68 -5.19 10.40 12.90
CA PRO D 68 -3.83 10.63 13.43
C PRO D 68 -3.65 9.92 14.76
N ALA D 69 -2.47 9.32 14.97
CA ALA D 69 -2.21 8.55 16.18
C ALA D 69 -2.33 9.41 17.45
S SO4 E . 6.71 3.67 -1.17
O1 SO4 E . 5.48 4.44 -1.11
O2 SO4 E . 6.97 3.08 0.15
O3 SO4 E . 6.57 2.60 -2.16
O4 SO4 E . 7.81 4.54 -1.55
S SO4 F . 2.86 -11.16 1.67
O1 SO4 F . 4.18 -10.54 1.55
O2 SO4 F . 1.87 -10.10 1.93
O3 SO4 F . 2.43 -11.86 0.46
O4 SO4 F . 2.88 -12.09 2.79
S SO4 G . -5.91 -4.20 0.58
O1 SO4 G . -7.07 -4.99 1.01
O2 SO4 G . -5.27 -3.60 1.74
O3 SO4 G . -4.95 -5.07 -0.10
O4 SO4 G . -6.35 -3.15 -0.32
S SO4 H . 4.21 7.03 9.92
O1 SO4 H . 3.08 6.28 9.37
O2 SO4 H . 3.87 7.46 11.28
O3 SO4 H . 5.39 6.18 9.97
O4 SO4 H . 4.49 8.20 9.10
S SO4 I . 3.51 5.78 4.00
O1 SO4 I . 2.30 5.11 4.47
O2 SO4 I . 3.76 6.97 4.82
O3 SO4 I . 4.65 4.87 4.10
O4 SO4 I . 3.34 6.19 2.61
S SO4 J . -9.10 6.83 -4.44
O1 SO4 J . -10.29 6.08 -4.01
O2 SO4 J . -8.44 7.41 -3.28
O3 SO4 J . -8.18 5.92 -5.12
O4 SO4 J . -9.51 7.89 -5.35
S SO4 K . -2.57 11.22 -4.62
O1 SO4 K . -2.34 10.59 -3.33
O2 SO4 K . -1.34 11.90 -5.04
O3 SO4 K . -2.95 10.22 -5.61
O4 SO4 K . -3.65 12.20 -4.49
S SO4 L . -21.93 21.86 7.89
O1 SO4 L . -21.93 20.70 8.76
O2 SO4 L . -20.56 22.30 7.64
O3 SO4 L . -22.56 21.51 6.62
O4 SO4 L . -22.69 22.96 8.52
S SO4 M . -1.31 5.37 11.56
O1 SO4 M . -2.45 5.88 12.32
O2 SO4 M . -0.11 5.41 12.38
O3 SO4 M . -1.58 3.97 11.17
O4 SO4 M . -1.12 6.17 10.36
#